data_3UYU
#
_entry.id   3UYU
#
_cell.length_a   97.580
_cell.length_b   97.580
_cell.length_c   106.610
_cell.angle_alpha   90.00
_cell.angle_beta   90.00
_cell.angle_gamma   90.00
#
_symmetry.space_group_name_H-M   'P 43 21 2'
#
loop_
_entity.id
_entity.type
_entity.pdbx_description
1 polymer 'Antifreeze protein'
2 non-polymer GLYCEROL
3 water water
#
_entity_poly.entity_id   1
_entity_poly.type   'polypeptide(L)'
_entity_poly.pdbx_seq_one_letter_code
;QRDLSVELGVASNFAILAKAGISSVPDSAILGDIGVSPAAATYITGFGLTQDSSTTYATSPQVTG(MSE)IYAADYSTPT
PNYLAAAVANAETAYNQAAGFVDPDFLELGAGELRDQTLVPGLYKWTSSVSVPTDLTFEGNGDATWVFQIAGGLS(MSE)
ADGVAFTLAGGANSTNIAFQVGDDVTVGKGAHFEGVLLAKRFVTLQTGSSLNGRVLSQTEVALQKATVNSPFVPAPEVVQ
KRSNARQWL
;
_entity_poly.pdbx_strand_id   A,B
#
loop_
_chem_comp.id
_chem_comp.type
_chem_comp.name
_chem_comp.formula
GOL non-polymer GLYCEROL 'C3 H8 O3'
#
# COMPACT_ATOMS: atom_id res chain seq x y z
N GLN A 1 -24.97 6.31 10.68
CA GLN A 1 -25.35 5.95 9.26
C GLN A 1 -24.47 6.52 8.12
N ARG A 2 -23.66 7.54 8.40
CA ARG A 2 -22.61 7.90 7.44
C ARG A 2 -21.37 6.99 7.61
N ASP A 3 -20.86 6.49 6.50
CA ASP A 3 -19.68 5.63 6.55
C ASP A 3 -18.43 6.52 6.53
N LEU A 4 -17.94 6.81 7.73
CA LEU A 4 -16.78 7.63 7.92
C LEU A 4 -15.51 6.75 8.14
N SER A 5 -15.50 5.53 7.61
CA SER A 5 -14.31 4.69 7.69
C SER A 5 -13.10 5.39 7.09
N VAL A 6 -11.95 5.27 7.74
CA VAL A 6 -10.68 5.72 7.15
C VAL A 6 -9.78 4.54 6.82
N GLU A 7 -9.39 4.41 5.55
CA GLU A 7 -8.67 3.27 5.06
C GLU A 7 -7.18 3.46 5.35
N LEU A 8 -6.64 2.52 6.12
CA LEU A 8 -5.23 2.65 6.57
C LEU A 8 -4.19 1.93 5.71
N GLY A 9 -4.63 0.98 4.82
CA GLY A 9 -3.61 0.30 4.05
C GLY A 9 -2.65 -0.47 4.92
N VAL A 10 -1.38 -0.37 4.59
CA VAL A 10 -0.39 -1.11 5.26
C VAL A 10 -0.21 -0.56 6.69
N ALA A 11 -0.68 0.66 6.94
CA ALA A 11 -0.50 1.23 8.25
C ALA A 11 -1.35 0.50 9.30
N SER A 12 -2.32 -0.31 8.89
CA SER A 12 -3.04 -1.13 9.87
C SER A 12 -2.17 -2.28 10.37
N ASN A 13 -0.92 -2.40 9.92
CA ASN A 13 -0.05 -3.46 10.43
C ASN A 13 0.86 -2.93 11.52
N PHE A 14 0.59 -1.69 11.97
CA PHE A 14 1.49 -1.04 12.98
C PHE A 14 0.69 -0.54 14.18
N ALA A 15 1.29 -0.82 15.34
CA ALA A 15 0.85 -0.08 16.53
C ALA A 15 1.28 1.37 16.61
N ILE A 16 2.52 1.62 16.19
CA ILE A 16 3.08 2.96 16.16
C ILE A 16 3.90 3.07 14.87
N LEU A 17 3.64 4.13 14.10
CA LEU A 17 4.42 4.44 12.91
C LEU A 17 4.74 5.91 12.93
N ALA A 18 6.02 6.25 12.70
CA ALA A 18 6.42 7.65 12.78
C ALA A 18 7.46 7.95 11.72
N LYS A 19 7.52 9.20 11.35
CA LYS A 19 8.51 9.58 10.30
C LYS A 19 9.85 9.98 10.84
N ALA A 20 9.88 10.53 12.05
CA ALA A 20 11.09 11.15 12.59
C ALA A 20 11.74 10.40 13.72
N GLY A 21 10.94 9.64 14.46
CA GLY A 21 11.46 8.87 15.59
C GLY A 21 10.42 8.39 16.58
N ILE A 22 10.84 7.43 17.40
CA ILE A 22 9.98 6.97 18.52
C ILE A 22 10.88 6.85 19.72
N SER A 23 10.50 7.44 20.88
CA SER A 23 11.33 7.29 22.09
C SER A 23 10.50 6.63 23.19
N SER A 24 11.16 5.97 24.14
CA SER A 24 10.43 5.44 25.27
C SER A 24 11.24 5.74 26.53
N VAL A 25 10.54 6.29 27.52
CA VAL A 25 11.04 6.13 28.88
C VAL A 25 10.54 4.74 29.46
N PRO A 26 11.44 3.79 29.74
CA PRO A 26 10.98 2.40 30.04
C PRO A 26 10.37 2.27 31.44
N ASP A 27 9.46 1.30 31.63
CA ASP A 27 9.03 0.31 30.60
C ASP A 27 7.71 0.69 29.97
N SER A 28 7.74 0.89 28.64
CA SER A 28 6.53 0.90 27.86
C SER A 28 6.17 -0.56 27.49
N ALA A 29 4.93 -0.71 27.01
CA ALA A 29 4.39 -2.02 26.64
C ALA A 29 3.49 -1.93 25.40
N ILE A 30 4.06 -2.31 24.25
CA ILE A 30 3.41 -2.07 22.99
C ILE A 30 3.08 -3.46 22.46
N LEU A 31 1.78 -3.67 22.12
CA LEU A 31 1.37 -4.88 21.44
C LEU A 31 1.08 -4.59 19.98
N GLY A 32 2.00 -5.05 19.13
CA GLY A 32 1.97 -4.76 17.65
C GLY A 32 3.30 -4.21 17.24
N ASP A 33 3.50 -4.17 15.92
CA ASP A 33 4.79 -3.70 15.38
C ASP A 33 4.94 -2.21 15.49
N ILE A 34 6.20 -1.76 15.48
CA ILE A 34 6.48 -0.36 15.39
C ILE A 34 7.51 -0.06 14.24
N GLY A 35 7.39 1.15 13.72
CA GLY A 35 8.23 1.56 12.56
C GLY A 35 8.50 2.99 12.41
N VAL A 36 9.72 3.28 11.85
CA VAL A 36 10.09 4.62 11.45
C VAL A 36 10.63 4.66 10.04
N SER A 37 10.14 5.66 9.30
CA SER A 37 10.64 5.94 7.93
C SER A 37 10.20 7.38 7.60
N PRO A 38 11.13 8.21 7.03
CA PRO A 38 12.46 7.83 6.51
C PRO A 38 13.62 7.77 7.51
N ALA A 39 13.29 8.04 8.78
CA ALA A 39 14.35 7.95 9.81
C ALA A 39 15.05 6.62 9.93
N ALA A 40 16.36 6.66 10.25
CA ALA A 40 17.11 5.46 10.54
C ALA A 40 16.84 4.93 12.01
N ALA A 41 17.30 3.71 12.31
CA ALA A 41 17.01 3.06 13.59
C ALA A 41 17.61 3.85 14.75
N THR A 42 18.56 4.72 14.47
CA THR A 42 19.10 5.55 15.54
C THR A 42 18.09 6.53 16.14
N TYR A 43 16.95 6.75 15.48
CA TYR A 43 15.93 7.62 16.00
C TYR A 43 14.82 6.85 16.76
N ILE A 44 15.02 5.56 16.94
CA ILE A 44 14.21 4.74 17.89
C ILE A 44 15.05 4.55 19.15
N THR A 45 14.63 5.19 20.24
CA THR A 45 15.47 5.35 21.44
C THR A 45 14.71 4.82 22.65
N GLY A 46 15.48 4.22 23.57
CA GLY A 46 14.99 3.75 24.87
C GLY A 46 14.42 2.37 24.84
N PHE A 47 14.62 1.64 23.72
CA PHE A 47 14.07 0.30 23.55
C PHE A 47 15.02 -0.84 23.77
N GLY A 48 16.33 -0.57 23.84
CA GLY A 48 17.24 -1.72 23.88
C GLY A 48 17.14 -2.71 22.74
N LEU A 49 17.13 -2.18 21.49
CA LEU A 49 17.00 -2.99 20.28
C LEU A 49 18.09 -4.01 20.11
N THR A 50 17.70 -5.23 19.75
CA THR A 50 18.58 -6.30 19.31
C THR A 50 18.19 -6.63 17.86
N GLN A 51 19.13 -6.57 16.93
CA GLN A 51 18.79 -6.71 15.51
C GLN A 51 18.92 -8.20 15.19
N ASP A 52 18.03 -8.71 14.34
CA ASP A 52 17.92 -10.17 14.19
C ASP A 52 18.94 -10.71 13.13
N SER A 53 18.80 -11.88 12.46
CA SER A 53 17.58 -12.62 12.10
C SER A 53 16.45 -11.76 11.46
N THR A 55 18.89 -8.91 9.76
CA THR A 55 19.12 -7.49 9.69
C THR A 55 17.87 -6.72 9.07
N THR A 56 16.73 -7.38 9.10
CA THR A 56 15.47 -6.84 8.56
C THR A 56 14.56 -6.18 9.59
N TYR A 57 14.73 -6.60 10.87
CA TYR A 57 13.96 -5.95 11.89
C TYR A 57 14.71 -6.11 13.20
N ALA A 58 14.17 -5.56 14.27
CA ALA A 58 14.79 -5.66 15.62
C ALA A 58 13.64 -6.03 16.58
N THR A 59 14.07 -6.47 17.74
CA THR A 59 13.21 -6.78 18.90
C THR A 59 13.59 -6.00 20.11
N SER A 60 12.61 -5.83 21.01
CA SER A 60 12.75 -5.15 22.33
C SER A 60 11.81 -5.84 23.35
N PRO A 61 12.24 -5.97 24.62
CA PRO A 61 11.35 -6.54 25.62
C PRO A 61 10.07 -5.72 25.75
N GLN A 62 10.08 -4.43 25.35
CA GLN A 62 8.92 -3.57 25.46
C GLN A 62 7.95 -3.70 24.31
N VAL A 63 8.28 -4.48 23.25
CA VAL A 63 7.39 -4.54 22.05
C VAL A 63 7.10 -6.00 21.85
N THR A 64 5.81 -6.34 21.81
CA THR A 64 5.40 -7.67 21.43
C THR A 64 5.07 -7.63 19.91
N GLY A 65 6.10 -7.99 19.13
CA GLY A 65 6.04 -7.79 17.65
C GLY A 65 7.42 -7.41 17.20
N MSE A 66 7.48 -6.76 16.05
CA MSE A 66 8.78 -6.41 15.46
C MSE A 66 8.95 -4.95 15.30
O MSE A 66 8.00 -4.17 15.26
CB MSE A 66 8.86 -7.04 14.04
CG MSE A 66 9.16 -8.47 14.01
SE MSE A 66 7.62 -9.56 14.43
CE MSE A 66 8.43 -11.26 13.85
N ILE A 67 10.22 -4.52 15.18
CA ILE A 67 10.56 -3.11 15.10
C ILE A 67 11.29 -2.94 13.78
N TYR A 68 10.86 -1.94 13.06
CA TYR A 68 11.36 -1.70 11.65
C TYR A 68 11.85 -0.27 11.52
N ALA A 69 12.97 -0.10 10.78
CA ALA A 69 13.47 1.26 10.43
C ALA A 69 13.96 1.31 9.00
N ALA A 70 14.07 2.57 8.53
CA ALA A 70 14.26 2.82 7.04
C ALA A 70 15.66 2.29 6.57
N ASP A 71 16.64 2.12 7.48
CA ASP A 71 17.98 1.61 7.08
C ASP A 71 18.15 0.10 7.19
N TYR A 72 17.09 -0.62 7.59
CA TYR A 72 17.13 -2.03 7.64
C TYR A 72 17.11 -2.71 6.25
N SER A 73 17.38 -3.97 6.22
CA SER A 73 17.54 -4.69 4.95
C SER A 73 16.22 -4.88 4.25
N THR A 74 16.34 -4.99 2.93
CA THR A 74 15.22 -5.39 2.05
C THR A 74 14.45 -6.63 2.52
N PRO A 75 13.11 -6.60 2.50
CA PRO A 75 12.20 -5.56 1.93
C PRO A 75 11.75 -4.50 2.94
N THR A 76 12.46 -4.37 4.08
CA THR A 76 11.91 -3.42 5.06
C THR A 76 11.78 -1.95 4.61
N PRO A 77 12.78 -1.37 3.88
CA PRO A 77 12.57 0.00 3.43
C PRO A 77 11.30 0.21 2.56
N ASN A 78 11.03 -0.72 1.64
CA ASN A 78 9.87 -0.50 0.78
C ASN A 78 8.55 -0.83 1.50
N TYR A 79 8.59 -1.77 2.47
CA TYR A 79 7.41 -2.05 3.32
C TYR A 79 7.05 -0.80 4.16
N LEU A 80 8.06 -0.21 4.80
CA LEU A 80 7.85 1.02 5.52
C LEU A 80 7.41 2.21 4.69
N ALA A 81 8.00 2.36 3.50
CA ALA A 81 7.56 3.42 2.62
C ALA A 81 6.10 3.34 2.29
N ALA A 82 5.60 2.13 2.08
CA ALA A 82 4.20 1.93 1.79
C ALA A 82 3.37 2.23 3.04
N ALA A 83 3.84 1.78 4.21
CA ALA A 83 3.08 2.07 5.45
C ALA A 83 2.95 3.57 5.73
N VAL A 84 4.06 4.32 5.56
CA VAL A 84 4.04 5.78 5.81
C VAL A 84 3.19 6.50 4.70
N ALA A 85 3.35 6.07 3.43
CA ALA A 85 2.52 6.72 2.38
C ALA A 85 1.05 6.50 2.63
N ASN A 86 0.71 5.25 2.97
CA ASN A 86 -0.67 4.91 3.29
C ASN A 86 -1.24 5.70 4.53
N ALA A 87 -0.38 5.89 5.54
CA ALA A 87 -0.77 6.65 6.70
C ALA A 87 -1.01 8.11 6.35
N GLU A 88 -0.24 8.69 5.40
CA GLU A 88 -0.47 10.08 4.93
C GLU A 88 -1.81 10.16 4.15
N THR A 89 -2.08 9.16 3.30
CA THR A 89 -3.31 9.13 2.53
C THR A 89 -4.50 9.09 3.53
N ALA A 90 -4.40 8.30 4.59
CA ALA A 90 -5.43 8.28 5.65
C ALA A 90 -5.62 9.60 6.35
N TYR A 91 -4.52 10.25 6.77
CA TYR A 91 -4.61 11.56 7.37
C TYR A 91 -5.42 12.50 6.48
N ASN A 92 -5.08 12.51 5.20
CA ASN A 92 -5.75 13.39 4.22
C ASN A 92 -7.20 13.05 4.00
N GLN A 93 -7.51 11.74 3.98
CA GLN A 93 -8.89 11.31 3.85
C GLN A 93 -9.67 11.83 5.04
N ALA A 94 -9.14 11.60 6.24
CA ALA A 94 -9.84 12.09 7.46
C ALA A 94 -10.06 13.59 7.48
N ALA A 95 -9.03 14.35 7.07
CA ALA A 95 -9.12 15.83 6.99
C ALA A 95 -10.05 16.29 5.88
N GLY A 96 -10.29 15.40 4.90
CA GLY A 96 -11.05 15.74 3.67
C GLY A 96 -12.53 15.60 3.66
N PHE A 97 -13.13 14.90 4.65
CA PHE A 97 -14.57 14.74 4.70
C PHE A 97 -15.26 16.09 4.87
N VAL A 98 -16.36 16.25 4.15
CA VAL A 98 -17.10 17.53 4.13
C VAL A 98 -18.37 17.40 4.95
N ASP A 99 -18.98 18.56 5.19
CA ASP A 99 -20.14 18.78 6.01
C ASP A 99 -20.25 18.03 7.35
N PRO A 100 -19.54 18.60 8.32
CA PRO A 100 -19.47 18.14 9.68
C PRO A 100 -20.84 18.09 10.30
N ASP A 101 -21.04 17.10 11.17
CA ASP A 101 -22.24 17.05 11.97
C ASP A 101 -22.17 17.97 13.14
N PHE A 102 -20.95 18.22 13.62
CA PHE A 102 -20.68 19.09 14.76
C PHE A 102 -19.53 19.99 14.38
N LEU A 103 -19.74 21.28 14.62
CA LEU A 103 -18.76 22.33 14.39
C LEU A 103 -18.49 23.16 15.63
N GLU A 104 -17.24 23.12 16.02
CA GLU A 104 -16.78 23.77 17.23
C GLU A 104 -17.52 23.31 18.49
N LEU A 105 -17.76 22.00 18.64
CA LEU A 105 -18.52 21.53 19.83
C LEU A 105 -17.77 21.90 21.09
N GLY A 106 -18.49 22.47 22.07
CA GLY A 106 -17.89 22.83 23.34
C GLY A 106 -16.88 23.96 23.27
N ALA A 107 -16.84 24.61 22.11
CA ALA A 107 -15.81 25.65 21.86
C ALA A 107 -14.40 25.10 22.07
N GLY A 108 -14.24 23.81 21.76
CA GLY A 108 -12.92 23.16 21.90
C GLY A 108 -12.75 22.29 23.15
N GLU A 109 -13.62 22.39 24.14
CA GLU A 109 -13.46 21.61 25.40
C GLU A 109 -14.51 20.52 25.38
N LEU A 110 -14.10 19.27 25.67
CA LEU A 110 -15.08 18.18 25.68
C LEU A 110 -15.20 17.72 27.11
N ARG A 111 -16.20 18.26 27.81
CA ARG A 111 -16.37 18.04 29.21
C ARG A 111 -17.66 17.25 29.50
N ASP A 112 -17.52 16.10 30.16
CA ASP A 112 -18.65 15.23 30.45
C ASP A 112 -19.50 14.90 29.20
N GLN A 113 -18.81 14.64 28.09
CA GLN A 113 -19.48 14.38 26.81
C GLN A 113 -19.75 12.93 26.48
N THR A 114 -20.87 12.72 25.81
CA THR A 114 -21.17 11.41 25.24
C THR A 114 -21.39 11.66 23.77
N LEU A 115 -20.60 11.04 22.90
CA LEU A 115 -20.59 11.43 21.50
C LEU A 115 -21.26 10.40 20.64
N VAL A 116 -22.33 10.79 19.98
CA VAL A 116 -22.94 9.98 18.95
C VAL A 116 -22.03 9.85 17.71
N PRO A 117 -22.22 8.81 16.89
CA PRO A 117 -21.45 8.72 15.61
C PRO A 117 -21.56 9.93 14.69
N GLY A 118 -20.49 10.25 14.00
CA GLY A 118 -20.58 11.36 13.04
C GLY A 118 -19.23 11.99 12.83
N LEU A 119 -19.28 13.10 12.07
CA LEU A 119 -18.12 13.89 11.71
C LEU A 119 -18.07 15.15 12.55
N TYR A 120 -17.01 15.29 13.35
CA TYR A 120 -16.82 16.38 14.30
C TYR A 120 -15.61 17.24 13.86
N LYS A 121 -15.82 18.57 13.78
CA LYS A 121 -14.74 19.46 13.28
C LYS A 121 -14.53 20.61 14.26
N TRP A 122 -13.27 20.95 14.48
CA TRP A 122 -12.89 22.17 15.21
C TRP A 122 -11.80 22.87 14.48
N THR A 123 -11.89 24.22 14.44
CA THR A 123 -10.75 25.02 13.89
C THR A 123 -9.75 25.41 14.95
N SER A 124 -10.07 25.09 16.21
CA SER A 124 -9.23 25.30 17.36
C SER A 124 -8.48 24.04 17.73
N SER A 125 -7.77 24.12 18.85
CA SER A 125 -7.33 22.94 19.61
C SER A 125 -8.53 22.34 20.38
N VAL A 126 -8.35 21.08 20.78
CA VAL A 126 -9.39 20.37 21.57
C VAL A 126 -8.76 19.85 22.89
N SER A 127 -9.48 20.03 24.01
CA SER A 127 -9.04 19.48 25.31
C SER A 127 -10.14 18.59 25.86
N VAL A 128 -9.74 17.60 26.63
CA VAL A 128 -10.66 16.59 27.16
C VAL A 128 -10.33 16.53 28.68
N PRO A 129 -11.01 17.40 29.47
CA PRO A 129 -10.71 17.49 30.90
C PRO A 129 -11.30 16.36 31.79
N THR A 130 -12.21 15.57 31.22
CA THR A 130 -12.93 14.51 31.94
C THR A 130 -12.98 13.25 31.07
N ASP A 131 -13.56 12.18 31.61
CA ASP A 131 -13.85 11.02 30.78
C ASP A 131 -14.72 11.37 29.58
N LEU A 132 -14.59 10.61 28.50
CA LEU A 132 -15.29 10.81 27.26
C LEU A 132 -15.89 9.47 26.81
N THR A 133 -17.15 9.48 26.46
CA THR A 133 -17.85 8.26 26.05
C THR A 133 -18.23 8.33 24.60
N PHE A 134 -17.97 7.27 23.85
CA PHE A 134 -18.46 7.12 22.46
C PHE A 134 -19.61 6.16 22.53
N GLU A 135 -20.78 6.58 22.03
CA GLU A 135 -21.96 5.67 22.04
C GLU A 135 -22.46 5.40 20.66
N GLY A 136 -22.37 4.16 20.18
CA GLY A 136 -22.94 3.82 18.88
C GLY A 136 -22.72 2.35 18.67
N ASN A 137 -23.27 1.79 17.60
CA ASN A 137 -23.21 0.38 17.41
C ASN A 137 -21.86 -0.07 16.84
N GLY A 138 -21.80 -1.36 16.53
CA GLY A 138 -20.57 -2.03 16.16
C GLY A 138 -20.05 -1.61 14.79
N ASP A 139 -20.94 -0.98 14.00
CA ASP A 139 -20.48 -0.53 12.68
C ASP A 139 -20.38 0.96 12.60
N ALA A 140 -20.72 1.63 13.69
CA ALA A 140 -20.75 3.11 13.69
C ALA A 140 -19.36 3.66 13.54
N THR A 141 -19.26 4.79 12.85
CA THR A 141 -17.97 5.47 12.67
C THR A 141 -17.95 6.89 13.18
N TRP A 142 -16.77 7.29 13.69
CA TRP A 142 -16.51 8.65 14.21
C TRP A 142 -15.21 9.16 13.55
N VAL A 143 -15.22 10.41 13.09
CA VAL A 143 -13.98 11.09 12.70
C VAL A 143 -13.97 12.45 13.32
N PHE A 144 -12.85 12.78 13.98
CA PHE A 144 -12.55 14.13 14.54
C PHE A 144 -11.53 14.82 13.67
N GLN A 145 -11.91 16.04 13.24
CA GLN A 145 -11.01 16.89 12.44
C GLN A 145 -10.61 18.08 13.30
N ILE A 146 -9.37 18.07 13.78
CA ILE A 146 -8.91 19.07 14.77
C ILE A 146 -7.75 19.84 14.13
N ALA A 147 -7.99 21.13 13.87
CA ALA A 147 -6.96 21.94 13.24
C ALA A 147 -5.80 22.24 14.16
N GLY A 148 -6.06 22.36 15.45
CA GLY A 148 -5.01 22.59 16.42
C GLY A 148 -4.48 21.33 17.07
N GLY A 149 -4.11 21.45 18.35
CA GLY A 149 -3.63 20.31 19.21
C GLY A 149 -4.77 19.53 19.84
N LEU A 150 -4.41 18.38 20.38
CA LEU A 150 -5.36 17.59 21.16
C LEU A 150 -4.70 17.23 22.50
N SER A 151 -5.41 17.46 23.61
CA SER A 151 -4.82 17.14 24.93
C SER A 151 -5.86 16.49 25.77
N MSE A 152 -5.44 15.47 26.49
CA MSE A 152 -6.32 14.72 27.46
C MSE A 152 -5.72 14.93 28.82
O MSE A 152 -4.52 14.69 29.02
CB MSE A 152 -6.31 13.20 27.20
CG MSE A 152 -7.17 12.72 26.10
SE MSE A 152 -6.94 10.75 26.08
CE MSE A 152 -8.13 10.22 27.56
N ALA A 153 -6.59 15.36 29.75
CA ALA A 153 -6.09 15.61 31.13
C ALA A 153 -5.66 14.29 31.81
N ASP A 154 -4.74 14.42 32.79
CA ASP A 154 -4.25 13.28 33.53
C ASP A 154 -5.44 12.46 34.02
N GLY A 155 -5.35 11.17 33.86
CA GLY A 155 -6.33 10.24 34.36
C GLY A 155 -7.68 10.10 33.67
N VAL A 156 -7.91 10.84 32.60
CA VAL A 156 -9.25 10.77 31.97
C VAL A 156 -9.26 9.45 31.18
N ALA A 157 -10.45 8.92 30.95
CA ALA A 157 -10.57 7.69 30.17
C ALA A 157 -11.61 7.75 29.09
N PHE A 158 -11.29 7.24 27.90
CA PHE A 158 -12.27 7.04 26.83
C PHE A 158 -13.02 5.74 27.08
N THR A 159 -14.37 5.81 27.04
CA THR A 159 -15.23 4.63 27.29
C THR A 159 -16.03 4.35 26.05
N LEU A 160 -16.24 3.07 25.76
CA LEU A 160 -17.04 2.66 24.62
C LEU A 160 -18.42 2.24 25.18
N ALA A 161 -19.45 2.66 24.45
CA ALA A 161 -20.81 2.19 24.81
C ALA A 161 -21.62 1.90 23.60
N GLY A 162 -22.68 1.07 23.71
CA GLY A 162 -23.56 0.83 22.62
C GLY A 162 -23.14 -0.22 21.61
N GLY A 163 -21.95 -0.81 21.79
CA GLY A 163 -21.39 -1.78 20.81
C GLY A 163 -20.17 -1.29 20.05
N ALA A 164 -19.79 -0.04 20.34
CA ALA A 164 -18.73 0.72 19.57
C ALA A 164 -17.40 -0.03 19.63
N ASN A 165 -16.61 0.18 18.60
CA ASN A 165 -15.27 -0.47 18.46
C ASN A 165 -14.30 0.65 18.07
N SER A 166 -13.13 0.66 18.71
CA SER A 166 -12.12 1.67 18.45
C SER A 166 -11.48 1.51 17.06
N THR A 167 -11.70 0.42 16.34
CA THR A 167 -11.28 0.40 14.93
C THR A 167 -12.04 1.42 14.09
N ASN A 168 -13.17 1.91 14.62
CA ASN A 168 -14.07 2.80 13.87
C ASN A 168 -14.00 4.23 14.36
N ILE A 169 -12.95 4.60 15.13
CA ILE A 169 -12.80 5.95 15.74
C ILE A 169 -11.46 6.48 15.21
N ALA A 170 -11.51 7.60 14.48
CA ALA A 170 -10.27 8.21 13.95
C ALA A 170 -10.17 9.67 14.30
N PHE A 171 -8.99 10.07 14.80
CA PHE A 171 -8.73 11.45 15.16
C PHE A 171 -7.67 12.00 14.25
N GLN A 172 -8.04 13.01 13.48
CA GLN A 172 -7.02 13.68 12.64
C GLN A 172 -6.66 14.99 13.34
N VAL A 173 -5.37 15.15 13.66
CA VAL A 173 -4.97 16.31 14.48
C VAL A 173 -3.82 17.04 13.82
N GLY A 174 -4.01 18.37 13.68
CA GLY A 174 -2.99 19.20 12.94
C GLY A 174 -1.74 19.52 13.75
N ASP A 175 -1.90 19.74 15.07
CA ASP A 175 -0.81 20.16 15.98
C ASP A 175 -0.56 19.07 17.08
N ASP A 176 0.32 19.31 18.03
CA ASP A 176 0.75 18.24 18.96
C ASP A 176 -0.39 17.59 19.76
N VAL A 177 -0.20 16.31 20.00
CA VAL A 177 -1.14 15.51 20.81
C VAL A 177 -0.48 15.18 22.15
N THR A 178 -1.15 15.47 23.27
CA THR A 178 -0.65 15.05 24.56
C THR A 178 -1.69 14.21 25.28
N VAL A 179 -1.35 12.95 25.55
CA VAL A 179 -2.28 12.08 26.31
C VAL A 179 -1.74 12.16 27.74
N GLY A 180 -2.55 12.67 28.67
CA GLY A 180 -2.02 12.88 30.01
C GLY A 180 -1.57 11.67 30.80
N LYS A 181 -0.82 11.91 31.89
CA LYS A 181 -0.42 10.79 32.75
C LYS A 181 -1.60 9.87 33.22
N GLY A 182 -1.46 8.60 32.99
CA GLY A 182 -2.48 7.57 33.33
C GLY A 182 -3.82 7.69 32.63
N ALA A 183 -3.90 8.51 31.59
CA ALA A 183 -5.12 8.62 30.79
C ALA A 183 -5.23 7.41 29.85
N HIS A 184 -6.46 7.14 29.44
CA HIS A 184 -6.73 5.99 28.52
C HIS A 184 -7.47 6.47 27.28
N PHE A 185 -6.82 6.26 26.12
CA PHE A 185 -7.34 6.61 24.81
C PHE A 185 -7.83 5.38 24.06
N GLU A 186 -8.87 5.59 23.24
CA GLU A 186 -9.38 4.57 22.29
C GLU A 186 -9.44 5.20 20.88
N GLY A 187 -8.84 4.50 19.91
CA GLY A 187 -8.98 4.98 18.51
C GLY A 187 -7.65 5.02 17.79
N VAL A 188 -7.78 5.39 16.50
CA VAL A 188 -6.64 5.63 15.61
C VAL A 188 -6.22 7.10 15.66
N LEU A 189 -5.00 7.40 16.08
CA LEU A 189 -4.49 8.78 16.07
C LEU A 189 -3.70 9.05 14.79
N LEU A 190 -4.23 9.95 13.95
CA LEU A 190 -3.53 10.37 12.71
C LEU A 190 -3.05 11.79 13.02
N ALA A 191 -1.79 11.86 13.48
CA ALA A 191 -1.14 13.10 13.96
C ALA A 191 -0.21 13.70 12.93
N LYS A 192 -0.43 15.00 12.67
CA LYS A 192 0.52 15.71 11.81
C LYS A 192 1.87 15.99 12.45
N ARG A 193 1.88 16.18 13.75
CA ARG A 193 3.12 16.56 14.46
C ARG A 193 3.30 15.63 15.63
N PHE A 194 3.75 16.15 16.76
CA PHE A 194 4.30 15.32 17.81
C PHE A 194 3.16 14.62 18.57
N VAL A 195 3.40 13.38 19.01
CA VAL A 195 2.48 12.68 19.98
C VAL A 195 3.29 12.25 21.18
N THR A 196 2.79 12.62 22.38
CA THR A 196 3.40 12.16 23.64
C THR A 196 2.37 11.40 24.44
N LEU A 197 2.73 10.18 24.81
CA LEU A 197 1.88 9.42 25.72
C LEU A 197 2.57 9.54 27.08
N GLN A 198 1.99 10.36 27.94
CA GLN A 198 2.65 10.64 29.23
C GLN A 198 2.57 9.44 30.20
N THR A 199 3.42 9.56 31.23
CA THR A 199 3.66 8.46 32.15
C THR A 199 2.44 7.66 32.58
N GLY A 200 2.54 6.37 32.19
CA GLY A 200 1.55 5.30 32.54
C GLY A 200 0.19 5.45 31.84
N SER A 201 0.10 6.25 30.77
CA SER A 201 -1.09 6.24 29.91
C SER A 201 -1.17 4.99 29.06
N SER A 202 -2.35 4.76 28.49
CA SER A 202 -2.65 3.58 27.66
C SER A 202 -3.55 3.97 26.51
N LEU A 203 -3.44 3.18 25.43
CA LEU A 203 -4.15 3.47 24.18
C LEU A 203 -4.45 2.16 23.53
N ASN A 204 -5.75 1.96 23.24
CA ASN A 204 -6.12 0.83 22.42
C ASN A 204 -6.51 1.38 21.06
N GLY A 205 -5.72 0.95 20.07
CA GLY A 205 -5.79 1.69 18.74
C GLY A 205 -4.40 1.64 18.13
N ARG A 206 -4.04 2.74 17.42
CA ARG A 206 -2.74 2.93 16.84
C ARG A 206 -2.36 4.41 16.87
N VAL A 207 -1.04 4.66 16.77
CA VAL A 207 -0.47 5.99 16.72
C VAL A 207 0.32 6.17 15.41
N LEU A 208 -0.16 7.09 14.59
CA LEU A 208 0.43 7.31 13.24
C LEU A 208 0.85 8.76 13.21
N SER A 209 2.16 9.04 13.28
CA SER A 209 2.57 10.45 13.33
C SER A 209 3.49 10.84 12.17
N GLN A 210 3.27 12.03 11.61
CA GLN A 210 4.22 12.58 10.56
C GLN A 210 5.51 13.18 11.10
N THR A 211 5.67 13.15 12.41
CA THR A 211 6.98 13.51 13.03
C THR A 211 7.36 12.46 14.04
N GLU A 212 7.33 12.78 15.35
CA GLU A 212 7.88 11.92 16.43
C GLU A 212 6.80 11.47 17.42
N VAL A 213 7.03 10.29 17.96
CA VAL A 213 6.17 9.74 19.06
C VAL A 213 7.02 9.52 20.30
N ALA A 214 6.60 10.14 21.42
CA ALA A 214 7.28 9.90 22.66
C ALA A 214 6.39 9.10 23.63
N LEU A 215 6.93 7.99 24.12
CA LEU A 215 6.20 7.11 25.08
C LEU A 215 6.84 7.33 26.46
N GLN A 216 6.02 7.50 27.48
CA GLN A 216 6.52 7.58 28.89
C GLN A 216 5.85 6.43 29.68
N LYS A 217 6.55 5.32 29.81
CA LYS A 217 6.01 4.13 30.54
C LYS A 217 4.58 3.85 30.05
N ALA A 218 4.44 3.76 28.71
CA ALA A 218 3.07 3.85 28.13
C ALA A 218 2.70 2.53 27.46
N THR A 219 1.41 2.27 27.40
CA THR A 219 0.88 1.05 26.82
C THR A 219 0.11 1.38 25.54
N VAL A 220 0.41 0.61 24.49
CA VAL A 220 -0.37 0.70 23.23
C VAL A 220 -0.76 -0.70 22.80
N ASN A 221 -2.07 -0.99 22.74
CA ASN A 221 -2.53 -2.31 22.27
C ASN A 221 -3.24 -2.11 20.96
N SER A 222 -2.60 -2.65 19.88
CA SER A 222 -3.19 -2.53 18.51
C SER A 222 -3.89 -3.85 18.17
N PRO A 223 -4.87 -3.81 17.25
CA PRO A 223 -5.54 -5.02 16.71
C PRO A 223 -4.56 -6.06 16.09
N PHE A 224 -4.91 -7.32 16.30
CA PHE A 224 -4.28 -8.49 15.68
C PHE A 224 -4.23 -8.35 14.16
N VAL A 225 -3.12 -8.79 13.59
CA VAL A 225 -2.94 -8.74 12.14
C VAL A 225 -2.91 -10.20 11.70
N PRO A 226 -3.95 -10.63 10.95
CA PRO A 226 -3.98 -12.04 10.49
C PRO A 226 -2.91 -12.35 9.46
N ALA A 227 -2.24 -13.51 9.65
CA ALA A 227 -1.19 -13.92 8.72
C ALA A 227 -1.83 -14.34 7.37
N PRO A 228 -1.34 -13.74 6.26
CA PRO A 228 -1.78 -14.16 4.91
C PRO A 228 -1.63 -15.71 4.82
N GLU A 229 -2.66 -16.43 4.34
CA GLU A 229 -2.56 -17.91 4.30
C GLU A 229 -2.02 -18.44 2.95
N VAL A 230 -1.01 -19.29 3.05
CA VAL A 230 -0.11 -19.72 1.96
C VAL A 230 -0.70 -20.89 1.18
N VAL A 231 -0.47 -20.92 -0.13
CA VAL A 231 -0.92 -22.04 -0.97
C VAL A 231 0.29 -22.95 -1.29
N GLN A 232 0.23 -24.21 -0.81
CA GLN A 232 1.30 -25.17 -1.02
C GLN A 232 0.80 -26.17 -2.08
N GLN B 1 -7.26 15.81 -22.71
CA GLN B 1 -6.38 15.93 -21.56
C GLN B 1 -6.79 15.02 -20.41
N ARG B 2 -7.76 14.11 -20.60
CA ARG B 2 -8.22 13.22 -19.52
C ARG B 2 -7.10 12.39 -18.93
N ASP B 3 -6.98 12.44 -17.60
CA ASP B 3 -5.93 11.77 -16.90
C ASP B 3 -6.36 10.34 -16.61
N LEU B 4 -5.87 9.41 -17.46
CA LEU B 4 -6.21 7.96 -17.23
C LEU B 4 -5.07 7.22 -16.55
N SER B 5 -4.36 7.92 -15.66
CA SER B 5 -3.33 7.22 -14.87
C SER B 5 -3.95 6.16 -13.94
N VAL B 6 -3.21 5.04 -13.83
CA VAL B 6 -3.63 3.92 -12.97
C VAL B 6 -2.65 3.81 -11.79
N GLU B 7 -3.19 3.99 -10.57
CA GLU B 7 -2.31 3.97 -9.40
C GLU B 7 -1.97 2.55 -8.97
N LEU B 8 -0.67 2.20 -8.94
CA LEU B 8 -0.18 0.87 -8.64
C LEU B 8 0.18 0.57 -7.20
N GLY B 9 0.36 1.64 -6.37
CA GLY B 9 0.76 1.37 -4.95
C GLY B 9 2.03 0.52 -4.93
N VAL B 10 2.04 -0.49 -4.06
CA VAL B 10 3.20 -1.31 -3.89
C VAL B 10 3.55 -2.13 -5.16
N ALA B 11 2.55 -2.31 -6.05
CA ALA B 11 2.87 -3.09 -7.25
C ALA B 11 3.87 -2.36 -8.15
N SER B 12 4.14 -1.07 -7.90
CA SER B 12 5.18 -0.43 -8.68
C SER B 12 6.58 -0.86 -8.24
N ASN B 13 6.69 -1.66 -7.19
CA ASN B 13 7.98 -2.26 -6.82
C ASN B 13 8.22 -3.62 -7.50
N PHE B 14 7.37 -4.06 -8.47
CA PHE B 14 7.51 -5.39 -9.09
C PHE B 14 7.54 -5.32 -10.57
N ALA B 15 8.53 -6.01 -11.15
CA ALA B 15 8.47 -6.32 -12.58
C ALA B 15 7.41 -7.36 -12.90
N ILE B 16 7.27 -8.39 -12.04
CA ILE B 16 6.27 -9.48 -12.29
C ILE B 16 5.69 -9.80 -10.91
N LEU B 17 4.35 -9.74 -10.75
CA LEU B 17 3.66 -10.14 -9.52
C LEU B 17 2.55 -11.04 -9.96
N ALA B 18 2.46 -12.21 -9.34
CA ALA B 18 1.46 -13.24 -9.77
C ALA B 18 0.90 -13.94 -8.58
N LYS B 19 -0.37 -14.33 -8.62
CA LYS B 19 -0.96 -14.99 -7.44
C LYS B 19 -0.67 -16.46 -7.36
N ALA B 20 -0.53 -17.13 -8.50
CA ALA B 20 -0.36 -18.57 -8.56
C ALA B 20 1.01 -19.12 -8.92
N GLY B 21 1.84 -18.36 -9.64
CA GLY B 21 3.19 -18.91 -10.01
C GLY B 21 3.84 -18.09 -11.10
N ILE B 22 5.18 -18.22 -11.26
CA ILE B 22 5.92 -17.57 -12.34
C ILE B 22 6.89 -18.66 -12.83
N SER B 23 6.98 -18.90 -14.12
CA SER B 23 7.95 -19.84 -14.66
C SER B 23 8.89 -19.20 -15.68
N SER B 24 10.08 -19.78 -15.87
CA SER B 24 10.99 -19.34 -16.87
C SER B 24 11.58 -20.54 -17.58
N VAL B 25 11.54 -20.54 -18.91
CA VAL B 25 12.50 -21.35 -19.66
C VAL B 25 13.73 -20.53 -19.94
N PRO B 26 14.89 -20.93 -19.36
CA PRO B 26 16.01 -20.00 -19.26
C PRO B 26 16.75 -19.87 -20.59
N ASP B 27 17.51 -18.79 -20.79
CA ASP B 27 17.61 -17.64 -19.85
C ASP B 27 16.59 -16.54 -20.21
N SER B 28 15.78 -16.18 -19.24
CA SER B 28 14.99 -14.96 -19.28
C SER B 28 15.77 -13.85 -18.55
N ALA B 29 15.35 -12.56 -18.67
CA ALA B 29 16.01 -11.47 -17.99
C ALA B 29 14.90 -10.58 -17.44
N ILE B 30 14.89 -10.41 -16.12
CA ILE B 30 13.85 -9.60 -15.45
C ILE B 30 14.60 -8.48 -14.72
N LEU B 31 14.33 -7.27 -15.09
CA LEU B 31 14.90 -6.07 -14.40
C LEU B 31 13.85 -5.54 -13.49
N GLY B 32 13.98 -5.86 -12.18
CA GLY B 32 12.96 -5.56 -11.19
C GLY B 32 12.66 -6.85 -10.39
N ASP B 33 12.00 -6.59 -9.26
CA ASP B 33 11.67 -7.69 -8.34
C ASP B 33 10.55 -8.58 -8.90
N ILE B 34 10.49 -9.83 -8.44
CA ILE B 34 9.33 -10.68 -8.80
C ILE B 34 8.75 -11.21 -7.48
N GLY B 35 7.48 -11.54 -7.50
CA GLY B 35 6.81 -12.08 -6.30
C GLY B 35 5.60 -12.90 -6.64
N VAL B 36 5.35 -13.91 -5.80
CA VAL B 36 4.06 -14.64 -5.82
C VAL B 36 3.41 -14.66 -4.43
N SER B 37 2.10 -14.43 -4.42
CA SER B 37 1.28 -14.55 -3.21
C SER B 37 -0.18 -14.67 -3.62
N PRO B 38 -0.90 -15.61 -3.00
CA PRO B 38 -0.53 -16.47 -1.85
C PRO B 38 0.28 -17.71 -2.11
N ALA B 39 0.66 -17.96 -3.34
CA ALA B 39 1.48 -19.14 -3.64
C ALA B 39 2.80 -19.16 -2.91
N ALA B 40 3.22 -20.37 -2.50
CA ALA B 40 4.57 -20.64 -2.02
C ALA B 40 5.70 -20.57 -3.07
N ALA B 41 6.92 -20.42 -2.62
CA ALA B 41 8.10 -20.35 -3.56
C ALA B 41 8.27 -21.56 -4.53
N THR B 42 7.69 -22.71 -4.19
CA THR B 42 7.71 -23.88 -5.06
C THR B 42 6.98 -23.67 -6.40
N TYR B 43 6.19 -22.59 -6.46
CA TYR B 43 5.51 -22.22 -7.69
C TYR B 43 6.30 -21.17 -8.49
N ILE B 44 7.48 -20.81 -8.01
CA ILE B 44 8.45 -20.05 -8.89
C ILE B 44 9.42 -21.03 -9.47
N THR B 45 9.36 -21.26 -10.78
CA THR B 45 10.09 -22.43 -11.41
C THR B 45 10.96 -22.00 -12.54
N GLY B 46 12.13 -22.64 -12.66
CA GLY B 46 13.06 -22.30 -13.69
C GLY B 46 14.01 -21.17 -13.48
N PHE B 47 13.97 -20.62 -12.25
CA PHE B 47 14.88 -19.49 -11.96
C PHE B 47 16.21 -19.89 -11.28
N GLY B 48 16.38 -21.16 -10.92
CA GLY B 48 17.61 -21.58 -10.21
C GLY B 48 17.80 -20.75 -8.94
N LEU B 49 16.73 -20.63 -8.17
CA LEU B 49 16.66 -19.83 -6.94
C LEU B 49 17.67 -20.23 -5.89
N THR B 50 18.27 -19.23 -5.26
CA THR B 50 19.05 -19.42 -4.06
C THR B 50 18.55 -18.47 -2.93
N GLN B 51 18.32 -19.08 -1.78
CA GLN B 51 17.61 -18.48 -0.68
C GLN B 51 18.53 -17.83 0.29
N SER B 54 19.56 -15.32 4.22
CA SER B 54 18.49 -14.30 4.42
C SER B 54 17.13 -14.80 3.88
N THR B 55 16.33 -15.34 4.82
CA THR B 55 15.09 -16.14 4.67
C THR B 55 13.82 -15.34 4.13
N THR B 56 14.06 -14.06 3.91
CA THR B 56 13.00 -13.12 3.51
C THR B 56 12.88 -13.04 1.98
N TYR B 57 13.96 -13.40 1.27
CA TYR B 57 13.94 -13.34 -0.20
C TYR B 57 14.89 -14.37 -0.82
N ALA B 58 14.78 -14.56 -2.16
CA ALA B 58 15.73 -15.35 -2.92
C ALA B 58 16.30 -14.52 -4.08
N THR B 59 17.37 -15.03 -4.67
CA THR B 59 17.97 -14.41 -5.80
C THR B 59 18.12 -15.45 -6.95
N SER B 60 18.28 -14.92 -8.16
CA SER B 60 18.48 -15.73 -9.38
C SER B 60 19.36 -14.97 -10.31
N PRO B 61 20.23 -15.63 -11.09
CA PRO B 61 20.95 -14.90 -12.08
C PRO B 61 20.03 -14.24 -13.12
N GLN B 62 18.79 -14.75 -13.27
CA GLN B 62 17.90 -14.17 -14.31
C GLN B 62 17.21 -12.91 -13.82
N VAL B 63 17.32 -12.64 -12.52
CA VAL B 63 16.53 -11.50 -11.89
C VAL B 63 17.44 -10.43 -11.34
N THR B 64 17.29 -9.19 -11.81
CA THR B 64 18.03 -8.04 -11.21
C THR B 64 17.06 -7.43 -10.23
N GLY B 65 17.27 -7.79 -8.95
CA GLY B 65 16.30 -7.55 -7.90
C GLY B 65 16.19 -8.79 -7.02
N MSE B 66 15.07 -8.84 -6.32
CA MSE B 66 14.81 -9.89 -5.30
C MSE B 66 13.62 -10.69 -5.71
O MSE B 66 12.74 -10.14 -6.43
CB MSE B 66 14.45 -9.26 -3.96
CG MSE B 66 15.45 -9.06 -2.86
SE MSE B 66 17.25 -8.88 -3.31
CE MSE B 66 16.67 -7.30 -3.85
N ILE B 67 13.55 -11.94 -5.26
CA ILE B 67 12.42 -12.79 -5.47
C ILE B 67 11.71 -13.01 -4.16
N TYR B 68 10.40 -12.83 -4.15
CA TYR B 68 9.64 -12.94 -2.87
C TYR B 68 8.54 -13.95 -3.07
N ALA B 69 8.23 -14.72 -2.03
CA ALA B 69 7.11 -15.69 -2.04
C ALA B 69 6.39 -15.66 -0.70
N ALA B 70 5.14 -16.15 -0.72
CA ALA B 70 4.26 -16.04 0.47
C ALA B 70 4.74 -16.82 1.71
N ASP B 71 5.58 -17.84 1.50
CA ASP B 71 6.12 -18.64 2.59
C ASP B 71 7.40 -18.09 3.15
N TYR B 72 7.93 -16.97 2.62
CA TYR B 72 9.16 -16.40 3.16
C TYR B 72 8.92 -15.67 4.50
N SER B 73 10.00 -15.30 5.17
CA SER B 73 9.91 -14.84 6.57
C SER B 73 9.52 -13.36 6.64
N THR B 74 9.01 -12.96 7.80
CA THR B 74 8.60 -11.58 8.11
C THR B 74 9.65 -10.51 7.71
N PRO B 75 9.26 -9.37 7.04
CA PRO B 75 7.88 -8.91 6.72
C PRO B 75 7.41 -9.28 5.28
N THR B 76 8.01 -10.29 4.69
CA THR B 76 7.66 -10.61 3.25
C THR B 76 6.19 -10.97 3.07
N PRO B 77 5.59 -11.80 3.98
CA PRO B 77 4.15 -12.10 3.75
C PRO B 77 3.26 -10.84 3.70
N ASN B 78 3.44 -9.91 4.64
CA ASN B 78 2.57 -8.73 4.67
C ASN B 78 2.94 -7.76 3.51
N TYR B 79 4.22 -7.74 3.14
CA TYR B 79 4.67 -6.86 2.03
C TYR B 79 3.95 -7.38 0.75
N LEU B 80 4.05 -8.66 0.48
CA LEU B 80 3.34 -9.26 -0.69
C LEU B 80 1.82 -9.11 -0.61
N ALA B 81 1.24 -9.28 0.59
CA ALA B 81 -0.23 -9.16 0.64
C ALA B 81 -0.64 -7.73 0.21
N ALA B 82 0.14 -6.72 0.59
CA ALA B 82 -0.08 -5.33 0.12
C ALA B 82 0.11 -5.19 -1.39
N ALA B 83 1.20 -5.76 -1.89
CA ALA B 83 1.43 -5.67 -3.35
C ALA B 83 0.26 -6.29 -4.18
N VAL B 84 -0.20 -7.47 -3.75
CA VAL B 84 -1.31 -8.14 -4.47
C VAL B 84 -2.61 -7.32 -4.30
N ALA B 85 -2.92 -6.85 -3.10
CA ALA B 85 -4.10 -6.07 -2.93
C ALA B 85 -4.07 -4.79 -3.80
N ASN B 86 -2.91 -4.15 -3.86
CA ASN B 86 -2.75 -2.92 -4.63
C ASN B 86 -2.86 -3.22 -6.11
N ALA B 87 -2.33 -4.36 -6.56
CA ALA B 87 -2.48 -4.81 -7.99
C ALA B 87 -3.93 -5.05 -8.33
N GLU B 88 -4.72 -5.63 -7.38
CA GLU B 88 -6.16 -5.87 -7.64
C GLU B 88 -6.92 -4.57 -7.72
N THR B 89 -6.58 -3.61 -6.82
CA THR B 89 -7.20 -2.30 -6.84
C THR B 89 -6.89 -1.60 -8.19
N ALA B 90 -5.67 -1.78 -8.70
CA ALA B 90 -5.31 -1.18 -9.99
C ALA B 90 -6.12 -1.82 -11.15
N TYR B 91 -6.22 -3.14 -11.15
CA TYR B 91 -7.00 -3.79 -12.21
C TYR B 91 -8.43 -3.26 -12.17
N ASN B 92 -9.00 -3.15 -10.98
CA ASN B 92 -10.38 -2.68 -10.91
C ASN B 92 -10.54 -1.18 -11.30
N GLN B 93 -9.52 -0.33 -11.02
CA GLN B 93 -9.60 1.02 -11.45
C GLN B 93 -9.55 1.08 -12.95
N ALA B 94 -8.61 0.35 -13.62
CA ALA B 94 -8.57 0.38 -15.06
C ALA B 94 -9.86 -0.15 -15.69
N ALA B 95 -10.43 -1.24 -15.14
CA ALA B 95 -11.65 -1.80 -15.70
C ALA B 95 -12.80 -0.81 -15.45
N GLY B 96 -12.70 0.04 -14.41
CA GLY B 96 -13.84 0.87 -14.02
C GLY B 96 -14.01 2.19 -14.69
N PHE B 97 -13.01 2.70 -15.39
CA PHE B 97 -13.18 3.97 -16.00
C PHE B 97 -14.40 3.93 -16.94
N VAL B 98 -15.19 4.99 -16.96
CA VAL B 98 -16.38 5.01 -17.85
C VAL B 98 -16.17 5.95 -19.03
N ASP B 99 -17.13 5.92 -19.96
CA ASP B 99 -17.20 6.65 -21.18
C ASP B 99 -15.93 6.55 -22.06
N PRO B 100 -15.77 5.35 -22.63
CA PRO B 100 -14.69 5.14 -23.57
C PRO B 100 -14.66 6.07 -24.76
N ASP B 101 -13.44 6.44 -25.19
CA ASP B 101 -13.27 7.26 -26.39
C ASP B 101 -13.42 6.43 -27.66
N PHE B 102 -13.09 5.13 -27.56
CA PHE B 102 -13.08 4.22 -28.73
C PHE B 102 -13.61 2.88 -28.26
N LEU B 103 -14.70 2.42 -28.84
CA LEU B 103 -15.44 1.20 -28.41
C LEU B 103 -15.43 0.22 -29.60
N GLU B 104 -14.89 -0.95 -29.34
CA GLU B 104 -14.79 -2.07 -30.38
C GLU B 104 -13.98 -1.70 -31.61
N LEU B 105 -12.90 -0.95 -31.43
CA LEU B 105 -12.05 -0.54 -32.60
C LEU B 105 -11.55 -1.74 -33.32
N GLY B 106 -11.80 -1.73 -34.62
CA GLY B 106 -11.34 -2.88 -35.43
C GLY B 106 -12.06 -4.24 -35.19
N ALA B 107 -13.16 -4.17 -34.50
CA ALA B 107 -13.82 -5.39 -33.98
C ALA B 107 -12.91 -6.29 -33.23
N GLY B 108 -11.91 -5.67 -32.59
CA GLY B 108 -10.96 -6.45 -31.78
C GLY B 108 -9.65 -6.71 -32.51
N GLU B 109 -9.53 -6.46 -33.82
CA GLU B 109 -8.26 -6.75 -34.55
C GLU B 109 -7.62 -5.41 -34.83
N LEU B 110 -6.38 -5.18 -34.33
CA LEU B 110 -5.70 -3.88 -34.47
C LEU B 110 -4.59 -3.98 -35.51
N ARG B 111 -4.95 -3.70 -36.79
CA ARG B 111 -4.06 -3.81 -37.94
C ARG B 111 -3.65 -2.45 -38.43
N ASP B 112 -2.32 -2.23 -38.48
CA ASP B 112 -1.72 -0.99 -38.93
C ASP B 112 -2.27 0.21 -38.21
N GLN B 113 -2.56 0.05 -36.93
CA GLN B 113 -3.11 1.16 -36.09
C GLN B 113 -2.06 2.03 -35.46
N THR B 114 -2.36 3.35 -35.47
CA THR B 114 -1.65 4.35 -34.63
C THR B 114 -2.70 5.02 -33.77
N LEU B 115 -2.51 4.87 -32.46
CA LEU B 115 -3.54 5.15 -31.47
C LEU B 115 -3.25 6.48 -30.76
N VAL B 116 -4.14 7.45 -31.01
CA VAL B 116 -4.11 8.67 -30.18
C VAL B 116 -4.47 8.34 -28.71
N PRO B 117 -4.17 9.26 -27.75
CA PRO B 117 -4.47 8.98 -26.35
C PRO B 117 -5.95 8.83 -26.07
N GLY B 118 -6.22 8.05 -25.05
CA GLY B 118 -7.61 7.88 -24.58
C GLY B 118 -7.93 6.52 -24.03
N LEU B 119 -9.20 6.32 -23.78
CA LEU B 119 -9.78 5.10 -23.15
C LEU B 119 -10.40 4.23 -24.24
N TYR B 120 -9.83 3.04 -24.41
CA TYR B 120 -10.23 2.10 -25.42
C TYR B 120 -10.90 0.92 -24.74
N LYS B 121 -12.09 0.54 -25.22
CA LYS B 121 -12.79 -0.62 -24.66
C LYS B 121 -13.23 -1.64 -25.69
N TRP B 122 -13.04 -2.92 -25.36
CA TRP B 122 -13.63 -4.03 -26.18
C TRP B 122 -14.37 -4.93 -25.28
N THR B 123 -15.52 -5.43 -25.74
CA THR B 123 -16.29 -6.51 -25.02
C THR B 123 -15.93 -7.90 -25.53
N SER B 124 -14.99 -7.95 -26.47
CA SER B 124 -14.47 -9.17 -27.04
C SER B 124 -12.99 -9.37 -26.72
N SER B 125 -12.44 -10.48 -27.27
CA SER B 125 -11.00 -10.53 -27.33
C SER B 125 -10.40 -9.56 -28.34
N VAL B 126 -9.08 -9.39 -28.21
CA VAL B 126 -8.32 -8.46 -29.07
C VAL B 126 -7.07 -9.11 -29.63
N SER B 127 -6.78 -8.88 -30.89
CA SER B 127 -5.47 -9.32 -31.42
C SER B 127 -4.69 -8.16 -32.03
N VAL B 128 -3.38 -8.31 -32.12
CA VAL B 128 -2.48 -7.26 -32.64
C VAL B 128 -1.62 -8.00 -33.67
N PRO B 129 -2.12 -8.02 -34.94
CA PRO B 129 -1.44 -8.78 -36.00
C PRO B 129 -0.24 -8.10 -36.66
N THR B 130 -0.08 -6.78 -36.37
CA THR B 130 1.00 -5.96 -36.97
C THR B 130 1.55 -5.14 -35.85
N ASP B 131 2.61 -4.38 -36.15
CA ASP B 131 3.04 -3.33 -35.17
C ASP B 131 1.87 -2.44 -34.80
N LEU B 132 1.96 -1.87 -33.61
CA LEU B 132 0.92 -1.01 -33.08
C LEU B 132 1.65 0.23 -32.56
N THR B 133 1.23 1.46 -32.94
CA THR B 133 1.91 2.68 -32.43
C THR B 133 1.00 3.45 -31.50
N PHE B 134 1.60 4.01 -30.45
CA PHE B 134 0.91 4.93 -29.50
C PHE B 134 1.48 6.33 -29.74
N GLU B 135 0.64 7.26 -30.22
CA GLU B 135 1.12 8.58 -30.61
C GLU B 135 0.54 9.67 -29.69
N GLY B 136 1.42 10.22 -28.87
CA GLY B 136 0.99 11.29 -27.89
C GLY B 136 2.20 11.68 -27.09
N ASN B 137 2.08 12.79 -26.38
CA ASN B 137 3.23 13.28 -25.69
C ASN B 137 3.56 12.58 -24.40
N GLY B 138 4.56 13.10 -23.71
CA GLY B 138 5.08 12.43 -22.52
C GLY B 138 4.16 12.47 -21.32
N ASP B 139 3.11 13.27 -21.38
CA ASP B 139 2.07 13.23 -20.36
C ASP B 139 0.77 12.57 -20.77
N ALA B 140 0.68 12.10 -22.02
CA ALA B 140 -0.50 11.44 -22.50
C ALA B 140 -0.68 10.07 -21.88
N THR B 141 -1.97 9.71 -21.66
CA THR B 141 -2.28 8.42 -20.95
C THR B 141 -3.23 7.63 -21.87
N TRP B 142 -3.02 6.30 -21.88
CA TRP B 142 -3.93 5.40 -22.60
C TRP B 142 -4.31 4.33 -21.60
N VAL B 143 -5.56 3.85 -21.71
CA VAL B 143 -6.01 2.61 -20.98
C VAL B 143 -6.81 1.78 -21.98
N PHE B 144 -6.51 0.50 -21.97
CA PHE B 144 -7.29 -0.52 -22.75
C PHE B 144 -8.07 -1.37 -21.78
N GLN B 145 -9.39 -1.53 -22.01
CA GLN B 145 -10.26 -2.40 -21.19
C GLN B 145 -10.67 -3.51 -22.13
N ILE B 146 -10.22 -4.72 -21.84
CA ILE B 146 -10.45 -5.85 -22.79
C ILE B 146 -11.15 -6.95 -22.04
N ALA B 147 -12.37 -7.29 -22.43
CA ALA B 147 -13.08 -8.29 -21.65
C ALA B 147 -12.56 -9.73 -21.90
N GLY B 148 -12.10 -10.00 -23.15
CA GLY B 148 -11.61 -11.32 -23.52
C GLY B 148 -10.10 -11.38 -23.41
N GLY B 149 -9.47 -12.16 -24.26
CA GLY B 149 -8.02 -12.25 -24.25
C GLY B 149 -7.30 -11.25 -25.07
N LEU B 150 -6.00 -11.27 -24.96
CA LEU B 150 -5.16 -10.33 -25.72
C LEU B 150 -4.03 -11.12 -26.34
N SER B 151 -3.82 -11.02 -27.67
CA SER B 151 -2.74 -11.81 -28.30
C SER B 151 -1.99 -10.97 -29.31
N MSE B 152 -0.66 -11.02 -29.25
CA MSE B 152 0.19 -10.26 -30.17
C MSE B 152 0.80 -11.27 -31.13
O MSE B 152 1.39 -12.30 -30.69
CB MSE B 152 1.32 -9.57 -29.31
CG MSE B 152 0.84 -8.30 -28.79
SE MSE B 152 -0.68 -7.99 -27.66
CE MSE B 152 -0.08 -9.32 -26.50
N ALA B 153 0.81 -10.93 -32.41
CA ALA B 153 1.42 -11.85 -33.37
C ALA B 153 2.94 -11.92 -33.26
N ASP B 154 3.54 -12.99 -33.80
CA ASP B 154 4.99 -13.10 -33.81
C ASP B 154 5.67 -11.89 -34.39
N GLY B 155 6.70 -11.43 -33.71
CA GLY B 155 7.52 -10.31 -34.18
C GLY B 155 7.00 -8.91 -34.19
N VAL B 156 5.77 -8.67 -33.73
CA VAL B 156 5.23 -7.31 -33.81
C VAL B 156 5.75 -6.49 -32.65
N ALA B 157 5.70 -5.18 -32.84
CA ALA B 157 6.13 -4.34 -31.75
C ALA B 157 5.14 -3.26 -31.46
N PHE B 158 5.00 -2.96 -30.19
CA PHE B 158 4.38 -1.75 -29.71
C PHE B 158 5.40 -0.63 -29.77
N THR B 159 5.08 0.41 -30.57
CA THR B 159 6.05 1.54 -30.78
C THR B 159 5.48 2.83 -30.18
N LEU B 160 6.37 3.76 -29.78
CA LEU B 160 6.08 5.01 -29.08
C LEU B 160 6.46 6.23 -29.99
N ALA B 161 5.45 6.99 -30.40
CA ALA B 161 5.65 8.17 -31.29
C ALA B 161 5.21 9.42 -30.56
N GLY B 162 5.78 10.57 -30.97
CA GLY B 162 5.38 11.85 -30.36
C GLY B 162 5.74 12.15 -28.93
N GLY B 163 6.55 11.26 -28.29
CA GLY B 163 6.96 11.43 -26.92
C GLY B 163 6.32 10.45 -25.94
N ALA B 164 5.53 9.50 -26.48
CA ALA B 164 4.75 8.62 -25.58
C ALA B 164 5.67 7.91 -24.60
N ASN B 165 5.17 7.69 -23.39
CA ASN B 165 5.95 7.01 -22.31
C ASN B 165 5.13 5.80 -21.83
N SER B 166 5.71 4.63 -21.78
CA SER B 166 4.91 3.46 -21.41
C SER B 166 4.61 3.33 -19.93
N THR B 167 5.13 4.21 -19.08
CA THR B 167 4.56 4.26 -17.70
C THR B 167 3.13 4.81 -17.71
N ASN B 168 2.67 5.33 -18.85
CA ASN B 168 1.36 6.00 -18.97
C ASN B 168 0.46 5.17 -19.88
N ILE B 169 0.82 3.88 -20.09
CA ILE B 169 -0.02 2.93 -20.89
C ILE B 169 -0.39 1.78 -19.98
N ALA B 170 -1.71 1.53 -19.82
CA ALA B 170 -2.15 0.40 -19.06
C ALA B 170 -3.17 -0.45 -19.81
N PHE B 171 -2.99 -1.78 -19.63
CA PHE B 171 -3.91 -2.75 -20.29
C PHE B 171 -4.58 -3.57 -19.20
N GLN B 172 -5.92 -3.54 -19.14
CA GLN B 172 -6.69 -4.45 -18.26
C GLN B 172 -7.30 -5.56 -19.11
N VAL B 173 -6.97 -6.83 -18.82
CA VAL B 173 -7.37 -7.91 -19.76
C VAL B 173 -8.00 -9.03 -18.93
N GLY B 174 -9.24 -9.40 -19.28
CA GLY B 174 -9.96 -10.46 -18.52
C GLY B 174 -9.55 -11.89 -18.81
N ASP B 175 -9.09 -12.25 -20.01
CA ASP B 175 -8.70 -13.62 -20.26
C ASP B 175 -7.17 -13.67 -20.63
N ASP B 176 -6.67 -14.78 -21.12
CA ASP B 176 -5.23 -15.01 -21.18
C ASP B 176 -4.60 -13.98 -22.16
N VAL B 177 -3.36 -13.61 -21.81
CA VAL B 177 -2.54 -12.73 -22.63
C VAL B 177 -1.39 -13.56 -23.17
N THR B 178 -1.20 -13.50 -24.48
CA THR B 178 -0.15 -14.26 -25.15
C THR B 178 0.66 -13.31 -26.05
N VAL B 179 1.95 -13.14 -25.72
CA VAL B 179 2.88 -12.28 -26.50
C VAL B 179 3.68 -13.27 -27.39
N GLY B 180 3.46 -13.16 -28.71
CA GLY B 180 4.07 -14.09 -29.66
C GLY B 180 5.58 -14.01 -29.70
N LYS B 181 6.14 -15.07 -30.31
CA LYS B 181 7.58 -15.15 -30.40
C LYS B 181 8.23 -13.92 -30.95
N GLY B 182 9.21 -13.40 -30.19
CA GLY B 182 9.93 -12.26 -30.68
C GLY B 182 9.15 -10.93 -30.72
N ALA B 183 7.93 -10.92 -30.21
CA ALA B 183 7.17 -9.68 -30.13
C ALA B 183 7.60 -8.78 -28.97
N HIS B 184 7.20 -7.50 -29.06
CA HIS B 184 7.66 -6.52 -28.07
C HIS B 184 6.44 -5.71 -27.55
N PHE B 185 6.19 -5.75 -26.25
CA PHE B 185 5.01 -5.11 -25.62
C PHE B 185 5.57 -3.85 -24.86
N GLU B 186 4.76 -2.80 -24.77
CA GLU B 186 5.01 -1.64 -23.92
C GLU B 186 3.82 -1.36 -23.01
N GLY B 187 4.10 -1.16 -21.72
CA GLY B 187 3.06 -0.77 -20.78
C GLY B 187 2.92 -1.68 -19.58
N VAL B 188 1.97 -1.25 -18.74
CA VAL B 188 1.58 -2.03 -17.53
C VAL B 188 0.50 -2.99 -17.87
N LEU B 189 0.73 -4.29 -17.68
CA LEU B 189 -0.29 -5.31 -18.00
C LEU B 189 -0.96 -5.75 -16.69
N LEU B 190 -2.27 -5.50 -16.57
CA LEU B 190 -3.09 -5.93 -15.44
C LEU B 190 -3.98 -7.06 -15.96
N ALA B 191 -3.51 -8.27 -15.72
CA ALA B 191 -4.16 -9.45 -16.28
C ALA B 191 -4.95 -10.20 -15.25
N LYS B 192 -6.16 -10.59 -15.59
CA LYS B 192 -6.95 -11.45 -14.69
C LYS B 192 -6.49 -12.88 -14.67
N ARG B 193 -5.97 -13.33 -15.80
CA ARG B 193 -5.66 -14.72 -15.96
C ARG B 193 -4.21 -14.88 -16.46
N PHE B 194 -3.92 -15.88 -17.29
CA PHE B 194 -2.55 -16.27 -17.59
C PHE B 194 -1.87 -15.26 -18.49
N VAL B 195 -0.55 -15.07 -18.30
CA VAL B 195 0.27 -14.25 -19.22
C VAL B 195 1.44 -15.14 -19.70
N THR B 196 1.61 -15.30 -21.01
CA THR B 196 2.70 -16.05 -21.60
C THR B 196 3.51 -15.12 -22.50
N LEU B 197 4.82 -15.00 -22.23
CA LEU B 197 5.73 -14.26 -23.11
C LEU B 197 6.51 -15.32 -23.85
N GLN B 198 6.23 -15.51 -25.16
CA GLN B 198 6.79 -16.65 -25.89
C GLN B 198 8.25 -16.34 -26.26
N THR B 199 8.91 -17.37 -26.81
CA THR B 199 10.40 -17.34 -27.03
C THR B 199 10.88 -15.99 -27.56
N GLY B 200 11.75 -15.33 -26.77
CA GLY B 200 12.47 -14.20 -27.26
C GLY B 200 11.67 -12.88 -27.26
N SER B 201 10.43 -12.90 -26.72
CA SER B 201 9.63 -11.66 -26.64
C SER B 201 10.22 -10.80 -25.54
N SER B 202 9.72 -9.58 -25.49
CA SER B 202 10.20 -8.63 -24.48
C SER B 202 9.06 -7.66 -24.13
N LEU B 203 9.23 -6.99 -23.00
CA LEU B 203 8.20 -6.12 -22.43
C LEU B 203 8.92 -5.04 -21.65
N ASN B 204 8.74 -3.76 -22.06
CA ASN B 204 9.11 -2.61 -21.19
C ASN B 204 7.86 -2.17 -20.42
N GLY B 205 7.82 -2.42 -19.14
CA GLY B 205 6.59 -2.23 -18.32
C GLY B 205 6.57 -3.24 -17.19
N ARG B 206 5.38 -3.72 -16.83
CA ARG B 206 5.21 -4.66 -15.67
C ARG B 206 4.15 -5.64 -15.98
N VAL B 207 4.25 -6.82 -15.40
CA VAL B 207 3.22 -7.83 -15.56
C VAL B 207 2.68 -8.20 -14.21
N LEU B 208 1.36 -7.89 -14.05
CA LEU B 208 0.64 -8.09 -12.81
C LEU B 208 -0.55 -9.05 -13.05
N SER B 209 -0.40 -10.32 -12.68
CA SER B 209 -1.41 -11.37 -13.06
C SER B 209 -2.11 -11.94 -11.82
N GLN B 210 -3.39 -12.13 -11.96
CA GLN B 210 -4.16 -12.83 -10.92
C GLN B 210 -4.06 -14.36 -10.96
N THR B 211 -3.35 -14.90 -11.94
CA THR B 211 -3.02 -16.36 -11.95
C THR B 211 -1.52 -16.53 -12.15
N GLU B 212 -1.08 -16.97 -13.31
CA GLU B 212 0.26 -17.44 -13.53
C GLU B 212 0.91 -16.65 -14.64
N VAL B 213 2.21 -16.48 -14.55
CA VAL B 213 3.00 -15.87 -15.67
C VAL B 213 4.09 -16.82 -16.15
N ALA B 214 4.21 -17.05 -17.47
CA ALA B 214 5.21 -17.97 -18.02
C ALA B 214 6.08 -17.15 -18.95
N LEU B 215 7.39 -17.20 -18.73
CA LEU B 215 8.41 -16.52 -19.61
C LEU B 215 9.17 -17.58 -20.41
N GLN B 216 9.36 -17.36 -21.70
CA GLN B 216 10.20 -18.29 -22.49
C GLN B 216 11.37 -17.51 -23.10
N LYS B 217 12.57 -17.61 -22.53
CA LYS B 217 13.72 -16.83 -22.96
C LYS B 217 13.32 -15.39 -23.21
N ALA B 218 12.61 -14.80 -22.26
CA ALA B 218 11.96 -13.50 -22.54
C ALA B 218 12.53 -12.44 -21.56
N THR B 219 12.29 -11.17 -21.90
CA THR B 219 12.73 -10.05 -21.09
C THR B 219 11.58 -9.22 -20.58
N VAL B 220 11.58 -8.97 -19.25
CA VAL B 220 10.66 -7.99 -18.65
C VAL B 220 11.48 -6.87 -18.02
N ASN B 221 11.40 -5.64 -18.53
CA ASN B 221 12.27 -4.58 -18.06
C ASN B 221 11.36 -3.50 -17.46
N SER B 222 11.37 -3.40 -16.12
CA SER B 222 10.39 -2.56 -15.40
C SER B 222 11.04 -1.27 -14.89
N PRO B 223 10.24 -0.21 -14.78
CA PRO B 223 10.83 1.04 -14.29
C PRO B 223 11.14 0.90 -12.78
N PHE B 224 12.32 1.44 -12.43
CA PHE B 224 12.85 1.43 -11.05
C PHE B 224 12.38 2.67 -10.28
N VAL B 225 11.70 2.46 -9.17
CA VAL B 225 11.19 3.56 -8.32
C VAL B 225 12.05 3.57 -7.04
N PRO B 226 12.91 4.61 -6.87
CA PRO B 226 13.74 4.71 -5.65
C PRO B 226 12.92 4.71 -4.34
N ALA B 227 13.41 3.93 -3.39
CA ALA B 227 12.95 3.91 -2.00
C ALA B 227 13.28 5.27 -1.32
N PRO B 228 12.52 5.66 -0.26
CA PRO B 228 12.78 6.96 0.36
C PRO B 228 14.24 7.12 0.81
N GLU B 229 14.82 8.33 0.69
CA GLU B 229 16.17 8.52 1.18
C GLU B 229 16.19 8.47 2.74
N VAL B 230 17.08 7.67 3.29
CA VAL B 230 17.21 7.49 4.76
C VAL B 230 17.70 8.79 5.41
N VAL B 231 17.06 9.20 6.49
CA VAL B 231 17.50 10.33 7.32
C VAL B 231 18.38 9.79 8.46
N GLN B 232 19.67 10.17 8.45
CA GLN B 232 20.61 9.76 9.47
C GLN B 232 20.92 11.03 10.27
C1 GOL C . 1.56 8.79 10.08
O1 GOL C . 0.69 9.92 10.12
C2 GOL C . 2.79 9.16 9.30
O2 GOL C . 2.43 9.47 8.00
C3 GOL C . 3.87 8.10 9.27
O3 GOL C . 3.77 7.23 10.34
C1 GOL D . 15.07 -23.66 -11.61
O1 GOL D . 16.29 -24.15 -12.12
C2 GOL D . 14.55 -24.14 -10.31
O2 GOL D . 13.19 -24.60 -10.54
C3 GOL D . 14.59 -22.92 -9.42
O3 GOL D . 14.65 -23.23 -8.07
#